data_4OPS
#
_entry.id   4OPS
#
_cell.length_a   71.450
_cell.length_b   90.110
_cell.length_c   91.870
_cell.angle_alpha   90.00
_cell.angle_beta   90.00
_cell.angle_gamma   90.00
#
_symmetry.space_group_name_H-M   'P 21 21 21'
#
loop_
_entity.id
_entity.type
_entity.pdbx_description
1 polymer 'Major capsid protein'
2 branched alpha-L-fucopyranose-(1-2)-beta-D-galactopyranose-(1-3)-[alpha-L-fucopyranose-(1-4)]2-acetamido-2-deoxy-beta-D-glucopyranose
3 water water
#
_entity_poly.entity_id   1
_entity_poly.type   'polypeptide(L)'
_entity_poly.pdbx_seq_one_letter_code
;KPFTVPILTVEEMTNSRFPIPLEKLFTGPSGAFVVQPQNGRCTTDGVLLGTTQLSPVNICTFRGDVTHIAGTHNYTMNLA
SQNWNNYDPTEEIPAPLGTPDFVGRIQGMLTQTTRGDGSTRGHKATVSTGDVHFTPKLGSIQFNTDTNNDFETGQNTKFT
PVGVVQDGNGAHQNEPQQWVLPSYSGRTGHNVHLAPAVAPTFPGEQLLFFRSTMPGCSGYPNMNLDCLLPQEWVQHFYQE
AAPAQSDVALLRFVNPDTGRVLFECKLHKSGYVTVAHTGQHDLVIPPNGYFRFDSWVNQFYTLAPM
;
_entity_poly.pdbx_strand_id   A,B
#
loop_
_chem_comp.id
_chem_comp.type
_chem_comp.name
_chem_comp.formula
FUC L-saccharide, alpha linking alpha-L-fucopyranose 'C6 H12 O5'
GAL D-saccharide, beta linking beta-D-galactopyranose 'C6 H12 O6'
NAG D-saccharide, beta linking 2-acetamido-2-deoxy-beta-D-glucopyranose 'C8 H15 N O6'
#
# COMPACT_ATOMS: atom_id res chain seq x y z
N LYS A 1 -15.12 24.84 7.50
CA LYS A 1 -13.88 24.10 7.74
C LYS A 1 -12.89 24.36 6.61
N PRO A 2 -11.72 24.93 6.91
CA PRO A 2 -10.81 25.25 5.81
C PRO A 2 -10.25 24.05 5.09
N PHE A 3 -10.19 24.15 3.76
CA PHE A 3 -9.67 23.11 2.90
C PHE A 3 -8.14 23.07 2.99
N THR A 4 -7.57 21.87 2.95
CA THR A 4 -6.13 21.67 2.99
C THR A 4 -5.76 20.48 2.10
N VAL A 5 -4.54 20.46 1.58
CA VAL A 5 -3.99 19.21 1.03
C VAL A 5 -2.87 18.73 1.93
N PRO A 6 -2.54 17.42 1.86
CA PRO A 6 -1.43 16.89 2.68
C PRO A 6 -0.11 17.61 2.41
N ILE A 7 0.79 17.59 3.38
CA ILE A 7 2.12 18.18 3.16
C ILE A 7 3.17 17.10 2.76
N LEU A 8 2.74 15.86 2.56
CA LEU A 8 3.67 14.81 2.09
C LEU A 8 4.26 15.20 0.72
N THR A 9 5.54 14.91 0.53
CA THR A 9 6.15 15.17 -0.75
C THR A 9 5.73 14.11 -1.74
N VAL A 10 6.01 14.38 -3.01
CA VAL A 10 5.65 13.45 -4.08
C VAL A 10 6.21 12.06 -3.82
N GLU A 11 7.49 11.93 -3.45
CA GLU A 11 8.07 10.61 -3.19
C GLU A 11 7.56 9.89 -1.91
N GLU A 12 6.92 10.64 -1.01
CA GLU A 12 6.33 10.09 0.21
C GLU A 12 4.87 9.63 -0.03
N MET A 13 4.40 9.69 -1.28
CA MET A 13 3.03 9.37 -1.61
C MET A 13 2.91 8.19 -2.60
N THR A 14 1.68 7.69 -2.72
CA THR A 14 1.36 6.43 -3.35
C THR A 14 0.48 6.65 -4.56
N ASN A 15 0.75 5.90 -5.63
CA ASN A 15 -0.07 5.95 -6.83
C ASN A 15 -1.48 5.43 -6.49
N SER A 16 -2.51 6.08 -6.99
CA SER A 16 -3.88 5.69 -6.69
C SER A 16 -4.43 4.66 -7.66
N ARG A 17 -3.63 4.28 -8.67
CA ARG A 17 -4.09 3.35 -9.72
C ARG A 17 -3.33 2.01 -9.69
N PHE A 18 -2.31 1.90 -8.83
CA PHE A 18 -1.53 0.66 -8.68
C PHE A 18 -0.74 0.82 -7.38
N PRO A 19 -0.54 -0.27 -6.63
CA PRO A 19 0.08 -0.13 -5.30
C PRO A 19 1.59 -0.01 -5.32
N ILE A 20 2.02 1.16 -5.81
CA ILE A 20 3.42 1.51 -5.89
C ILE A 20 3.59 2.98 -5.56
N PRO A 21 4.81 3.39 -5.14
CA PRO A 21 5.00 4.82 -4.85
C PRO A 21 4.96 5.71 -6.07
N LEU A 22 4.62 6.98 -5.86
CA LEU A 22 4.84 8.03 -6.87
C LEU A 22 6.29 8.29 -7.04
N GLU A 23 6.65 8.67 -8.26
CA GLU A 23 8.04 8.98 -8.57
C GLU A 23 8.23 10.41 -9.05
N LYS A 24 7.24 10.94 -9.74
CA LYS A 24 7.44 12.27 -10.38
C LYS A 24 6.13 12.88 -10.83
N LEU A 25 6.19 14.15 -11.23
CA LEU A 25 5.08 14.89 -11.79
C LEU A 25 5.33 15.03 -13.27
N PHE A 26 4.25 14.89 -14.02
CA PHE A 26 4.31 14.91 -15.47
C PHE A 26 3.14 15.68 -16.00
N THR A 27 3.40 16.49 -17.00
CA THR A 27 2.31 17.10 -17.74
C THR A 27 2.44 16.88 -19.24
N GLY A 28 1.29 16.74 -19.88
CA GLY A 28 1.32 16.60 -21.32
C GLY A 28 -0.01 16.88 -21.96
N PRO A 29 -0.01 17.10 -23.29
CA PRO A 29 -1.29 17.25 -24.01
C PRO A 29 -2.02 15.91 -23.98
N SER A 30 -3.33 15.99 -23.80
CA SER A 30 -4.16 14.82 -23.61
C SER A 30 -5.32 14.83 -24.58
N GLY A 31 -5.21 15.65 -25.61
CA GLY A 31 -6.26 15.77 -26.58
C GLY A 31 -6.56 14.52 -27.41
N ALA A 32 -5.56 13.69 -27.67
CA ALA A 32 -5.74 12.52 -28.55
C ALA A 32 -6.37 11.28 -27.89
N PHE A 33 -6.29 11.16 -26.57
CA PHE A 33 -6.84 10.01 -25.86
C PHE A 33 -7.86 10.46 -24.81
N VAL A 34 -8.63 9.52 -24.27
CA VAL A 34 -9.57 9.84 -23.19
C VAL A 34 -8.98 9.57 -21.81
N VAL A 35 -8.97 10.59 -20.97
CA VAL A 35 -8.42 10.48 -19.63
C VAL A 35 -9.60 10.24 -18.69
N GLN A 36 -9.90 8.97 -18.45
CA GLN A 36 -11.08 8.60 -17.66
C GLN A 36 -10.72 7.46 -16.67
N PRO A 37 -9.67 7.66 -15.87
CA PRO A 37 -9.39 6.63 -14.85
C PRO A 37 -10.48 6.54 -13.81
N GLN A 38 -10.68 5.33 -13.25
CA GLN A 38 -11.76 5.06 -12.29
C GLN A 38 -11.27 4.89 -10.85
N ASN A 39 -9.98 4.60 -10.70
CA ASN A 39 -9.30 4.62 -9.42
C ASN A 39 -8.62 5.97 -9.22
N GLY A 40 -8.41 6.39 -7.98
CA GLY A 40 -7.85 7.70 -7.71
C GLY A 40 -8.81 8.83 -8.04
N ARG A 41 -10.11 8.59 -7.84
CA ARG A 41 -11.13 9.60 -8.18
C ARG A 41 -11.93 9.99 -6.95
N CYS A 42 -11.88 11.28 -6.65
CA CYS A 42 -12.44 11.83 -5.41
C CYS A 42 -12.61 13.32 -5.56
N THR A 43 -13.75 13.86 -5.12
CA THR A 43 -13.93 15.28 -5.10
C THR A 43 -13.16 15.90 -3.93
N THR A 44 -13.00 17.22 -3.95
CA THR A 44 -12.22 17.85 -2.89
C THR A 44 -12.95 17.86 -1.57
N ASP A 45 -14.25 17.59 -1.60
CA ASP A 45 -15.01 17.54 -0.36
C ASP A 45 -15.29 16.09 0.05
N GLY A 46 -14.60 15.15 -0.60
CA GLY A 46 -14.49 13.82 -0.06
C GLY A 46 -15.48 12.79 -0.56
N VAL A 47 -16.12 13.03 -1.72
CA VAL A 47 -16.96 12.00 -2.31
C VAL A 47 -16.11 11.11 -3.24
N LEU A 48 -15.97 9.86 -2.89
CA LEU A 48 -15.27 8.91 -3.72
C LEU A 48 -16.07 8.64 -5.01
N LEU A 49 -15.40 8.48 -6.15
CA LEU A 49 -16.04 8.31 -7.46
C LEU A 49 -15.53 7.05 -8.16
N GLY A 50 -16.20 6.58 -9.18
CA GLY A 50 -15.72 5.43 -9.91
C GLY A 50 -15.57 4.18 -9.08
N THR A 51 -14.41 3.54 -9.20
CA THR A 51 -14.12 2.33 -8.43
C THR A 51 -13.20 2.65 -7.27
N THR A 52 -13.10 3.93 -6.92
CA THR A 52 -12.10 4.35 -5.94
C THR A 52 -12.50 3.90 -4.52
N GLN A 53 -11.54 3.35 -3.81
CA GLN A 53 -11.71 3.01 -2.40
C GLN A 53 -10.49 3.52 -1.65
N LEU A 54 -10.48 3.36 -0.33
CA LEU A 54 -9.51 4.06 0.51
C LEU A 54 -8.13 3.42 0.75
N SER A 55 -8.02 2.11 0.56
CA SER A 55 -6.79 1.39 0.84
C SER A 55 -5.76 1.43 -0.31
N PRO A 56 -4.53 1.81 0.01
CA PRO A 56 -3.52 1.76 -1.04
C PRO A 56 -3.17 0.35 -1.47
N VAL A 57 -3.33 -0.63 -0.58
CA VAL A 57 -2.89 -1.98 -0.91
C VAL A 57 -3.98 -2.85 -1.53
N ASN A 58 -5.23 -2.39 -1.54
CA ASN A 58 -6.31 -3.08 -2.24
C ASN A 58 -6.53 -2.63 -3.70
N ILE A 59 -5.67 -1.76 -4.21
CA ILE A 59 -5.78 -1.38 -5.59
C ILE A 59 -5.30 -2.53 -6.47
N CYS A 60 -6.12 -2.96 -7.43
CA CYS A 60 -5.85 -4.09 -8.34
C CYS A 60 -5.73 -5.42 -7.63
N THR A 61 -6.26 -5.52 -6.41
CA THR A 61 -6.38 -6.80 -5.77
C THR A 61 -7.73 -7.39 -6.01
N PHE A 62 -7.79 -8.72 -6.02
CA PHE A 62 -9.05 -9.42 -6.13
C PHE A 62 -9.18 -10.46 -5.05
N ARG A 63 -10.39 -10.68 -4.57
CA ARG A 63 -10.66 -11.72 -3.59
C ARG A 63 -11.92 -12.49 -3.96
N GLY A 64 -11.93 -13.78 -3.67
CA GLY A 64 -13.11 -14.57 -3.91
C GLY A 64 -12.81 -16.04 -3.84
N ASP A 65 -13.69 -16.84 -4.42
CA ASP A 65 -13.45 -18.28 -4.47
C ASP A 65 -13.14 -18.64 -5.92
N VAL A 66 -12.37 -19.70 -6.11
CA VAL A 66 -11.93 -20.08 -7.44
C VAL A 66 -12.34 -21.49 -7.78
N THR A 67 -12.53 -21.67 -9.09
CA THR A 67 -12.85 -22.98 -9.69
C THR A 67 -11.97 -23.21 -10.91
N HIS A 68 -11.43 -24.42 -11.00
CA HIS A 68 -10.53 -24.81 -12.08
C HIS A 68 -11.29 -24.98 -13.39
N ILE A 69 -10.66 -24.61 -14.49
CA ILE A 69 -11.19 -24.88 -15.83
C ILE A 69 -10.52 -26.12 -16.44
N ALA A 70 -11.29 -27.20 -16.58
CA ALA A 70 -10.70 -28.48 -16.97
C ALA A 70 -9.85 -28.37 -18.26
N GLY A 71 -8.72 -29.05 -18.29
CA GLY A 71 -7.87 -29.11 -19.49
C GLY A 71 -6.94 -27.93 -19.65
N THR A 72 -6.90 -27.07 -18.64
CA THR A 72 -6.10 -25.84 -18.69
C THR A 72 -5.40 -25.58 -17.39
N HIS A 73 -4.65 -24.48 -17.37
CA HIS A 73 -4.05 -23.97 -16.15
C HIS A 73 -4.80 -22.70 -15.70
N ASN A 74 -6.09 -22.61 -16.05
CA ASN A 74 -6.88 -21.41 -15.74
C ASN A 74 -7.93 -21.65 -14.65
N TYR A 75 -8.23 -20.57 -13.93
CA TYR A 75 -9.21 -20.57 -12.87
C TYR A 75 -10.18 -19.43 -13.07
N THR A 76 -11.46 -19.69 -12.79
CA THR A 76 -12.43 -18.63 -12.66
C THR A 76 -12.52 -18.23 -11.18
N MET A 77 -12.54 -16.93 -10.92
CA MET A 77 -12.76 -16.40 -9.59
C MET A 77 -14.13 -15.75 -9.56
N ASN A 78 -14.95 -16.19 -8.61
CA ASN A 78 -16.18 -15.52 -8.26
C ASN A 78 -15.90 -14.54 -7.13
N LEU A 79 -16.03 -13.28 -7.49
CA LEU A 79 -15.57 -12.19 -6.65
C LEU A 79 -16.41 -11.98 -5.42
N ALA A 80 -15.69 -11.69 -4.32
CA ALA A 80 -16.23 -11.14 -3.11
C ALA A 80 -15.81 -9.69 -3.02
N SER A 81 -16.41 -8.95 -2.08
CA SER A 81 -15.99 -7.59 -1.77
C SER A 81 -14.64 -7.63 -1.05
N GLN A 82 -14.00 -6.47 -0.86
CA GLN A 82 -12.63 -6.49 -0.33
C GLN A 82 -12.51 -6.90 1.15
N ASN A 83 -13.64 -6.99 1.85
CA ASN A 83 -13.68 -7.51 3.20
C ASN A 83 -14.41 -8.87 3.30
N TRP A 84 -14.55 -9.53 2.16
CA TRP A 84 -15.13 -10.88 2.03
C TRP A 84 -16.64 -10.93 2.14
N ASN A 85 -17.30 -9.78 2.18
CA ASN A 85 -18.75 -9.77 2.10
C ASN A 85 -19.15 -10.10 0.65
N ASN A 86 -20.39 -10.49 0.42
CA ASN A 86 -20.87 -10.73 -0.93
C ASN A 86 -20.76 -9.50 -1.81
N TYR A 87 -20.39 -9.70 -3.08
CA TYR A 87 -20.39 -8.61 -4.04
C TYR A 87 -21.79 -8.46 -4.68
N ASP A 88 -22.28 -7.23 -4.75
CA ASP A 88 -23.59 -6.93 -5.35
C ASP A 88 -23.46 -6.31 -6.74
N PRO A 89 -23.74 -7.09 -7.78
CA PRO A 89 -23.60 -6.52 -9.14
C PRO A 89 -24.57 -5.38 -9.45
N THR A 90 -25.56 -5.13 -8.59
CA THR A 90 -26.52 -4.05 -8.87
C THR A 90 -26.19 -2.67 -8.27
N GLU A 91 -25.15 -2.56 -7.44
CA GLU A 91 -24.76 -1.26 -6.89
C GLU A 91 -24.33 -0.34 -8.05
N GLU A 92 -24.56 0.96 -7.92
CA GLU A 92 -24.27 1.87 -9.01
C GLU A 92 -22.80 2.29 -9.01
N ILE A 93 -21.95 1.29 -9.24
CA ILE A 93 -20.53 1.46 -9.37
C ILE A 93 -20.17 0.70 -10.63
N PRO A 94 -19.07 1.07 -11.26
CA PRO A 94 -18.71 0.44 -12.55
C PRO A 94 -18.29 -1.01 -12.46
N ALA A 95 -17.77 -1.37 -11.29
CA ALA A 95 -17.12 -2.66 -11.06
C ALA A 95 -16.76 -2.69 -9.59
N PRO A 96 -16.36 -3.86 -9.06
CA PRO A 96 -15.96 -3.88 -7.65
C PRO A 96 -14.89 -2.82 -7.30
N LEU A 97 -14.90 -2.27 -6.08
CA LEU A 97 -13.96 -1.20 -5.76
C LEU A 97 -12.51 -1.71 -5.85
N GLY A 98 -11.63 -0.89 -6.44
CA GLY A 98 -10.24 -1.27 -6.63
C GLY A 98 -9.95 -2.07 -7.89
N THR A 99 -10.97 -2.39 -8.69
CA THR A 99 -10.79 -3.13 -9.95
C THR A 99 -9.84 -2.30 -10.83
N PRO A 100 -8.90 -2.97 -11.53
CA PRO A 100 -7.99 -2.23 -12.41
C PRO A 100 -8.74 -1.37 -13.43
N ASP A 101 -8.22 -0.20 -13.75
CA ASP A 101 -8.91 0.69 -14.68
C ASP A 101 -8.11 0.93 -15.95
N PHE A 102 -7.39 -0.09 -16.38
CA PHE A 102 -6.67 -0.05 -17.65
C PHE A 102 -6.69 -1.45 -18.26
N VAL A 103 -6.59 -1.50 -19.59
CA VAL A 103 -6.49 -2.77 -20.33
C VAL A 103 -5.04 -3.23 -20.37
N GLY A 104 -4.79 -4.40 -19.80
CA GLY A 104 -3.44 -4.95 -19.80
C GLY A 104 -3.43 -6.28 -19.07
N ARG A 105 -2.28 -6.91 -19.11
CA ARG A 105 -2.06 -8.12 -18.35
C ARG A 105 -1.26 -7.83 -17.10
N ILE A 106 -1.89 -8.12 -15.96
CA ILE A 106 -1.38 -7.88 -14.66
C ILE A 106 -0.98 -9.21 -14.07
N GLN A 107 0.28 -9.31 -13.73
CA GLN A 107 0.84 -10.52 -13.12
C GLN A 107 1.03 -10.33 -11.63
N GLY A 108 0.85 -11.41 -10.88
CA GLY A 108 0.99 -11.35 -9.46
C GLY A 108 0.94 -12.73 -8.89
N MET A 109 0.43 -12.86 -7.67
CA MET A 109 0.30 -14.17 -7.08
C MET A 109 -1.12 -14.39 -6.55
N LEU A 110 -1.65 -15.59 -6.82
CA LEU A 110 -2.87 -16.07 -6.19
C LEU A 110 -2.50 -16.87 -4.97
N THR A 111 -3.10 -16.56 -3.81
CA THR A 111 -2.80 -17.27 -2.58
C THR A 111 -4.08 -17.72 -1.96
N GLN A 112 -3.99 -18.82 -1.25
CA GLN A 112 -5.16 -19.42 -0.67
C GLN A 112 -4.85 -20.08 0.66
N THR A 113 -5.80 -19.98 1.59
CA THR A 113 -5.73 -20.68 2.86
C THR A 113 -6.94 -21.63 2.98
N THR A 114 -6.70 -22.87 3.40
CA THR A 114 -7.77 -23.82 3.73
C THR A 114 -8.24 -23.55 5.17
N ARG A 115 -9.49 -23.12 5.32
CA ARG A 115 -9.98 -22.63 6.59
C ARG A 115 -9.87 -23.71 7.67
N GLY A 116 -10.16 -24.94 7.27
CA GLY A 116 -10.23 -26.06 8.18
C GLY A 116 -8.93 -26.45 8.90
N ASP A 117 -7.79 -26.37 8.21
CA ASP A 117 -6.52 -26.81 8.82
C ASP A 117 -5.38 -25.80 8.72
N GLY A 118 -5.61 -24.66 8.08
CA GLY A 118 -4.57 -23.65 8.01
C GLY A 118 -3.47 -23.96 7.00
N SER A 119 -3.72 -24.93 6.11
CA SER A 119 -2.78 -25.20 5.03
C SER A 119 -2.87 -24.08 3.96
N THR A 120 -1.73 -23.74 3.35
CA THR A 120 -1.70 -22.59 2.44
C THR A 120 -0.99 -22.95 1.15
N ARG A 121 -1.22 -22.17 0.12
CA ARG A 121 -0.59 -22.40 -1.17
C ARG A 121 -0.60 -21.12 -1.97
N GLY A 122 0.37 -20.97 -2.86
CA GLY A 122 0.50 -19.77 -3.67
C GLY A 122 1.15 -20.03 -5.00
N HIS A 123 0.61 -19.40 -6.04
CA HIS A 123 1.09 -19.58 -7.39
C HIS A 123 1.11 -18.27 -8.18
N LYS A 124 2.09 -18.15 -9.06
CA LYS A 124 2.13 -17.03 -9.99
C LYS A 124 0.86 -17.11 -10.86
N ALA A 125 0.30 -15.95 -11.17
CA ALA A 125 -0.95 -15.87 -11.89
C ALA A 125 -1.03 -14.54 -12.64
N THR A 126 -1.74 -14.55 -13.76
CA THR A 126 -1.96 -13.36 -14.57
C THR A 126 -3.43 -13.16 -14.85
N VAL A 127 -3.87 -11.90 -14.80
CA VAL A 127 -5.21 -11.55 -15.25
C VAL A 127 -5.08 -10.56 -16.39
N SER A 128 -5.77 -10.87 -17.47
CA SER A 128 -5.78 -10.03 -18.65
C SER A 128 -7.07 -9.21 -18.66
N THR A 129 -7.00 -7.90 -18.36
CA THR A 129 -8.22 -7.10 -18.17
C THR A 129 -8.93 -6.76 -19.50
N GLY A 130 -8.27 -7.06 -20.60
CA GLY A 130 -8.86 -6.91 -21.91
C GLY A 130 -9.46 -8.18 -22.48
N ASP A 131 -9.33 -9.32 -21.79
CA ASP A 131 -9.79 -10.59 -22.35
C ASP A 131 -11.31 -10.80 -22.18
N VAL A 132 -11.84 -11.73 -22.96
CA VAL A 132 -13.28 -11.99 -23.04
C VAL A 132 -13.89 -12.51 -21.72
N HIS A 133 -13.05 -12.98 -20.81
CA HIS A 133 -13.48 -13.54 -19.54
C HIS A 133 -13.49 -12.54 -18.39
N PHE A 134 -12.95 -11.35 -18.64
CA PHE A 134 -12.83 -10.29 -17.61
C PHE A 134 -14.18 -9.56 -17.47
N THR A 135 -14.97 -10.03 -16.51
CA THR A 135 -16.34 -9.51 -16.31
C THR A 135 -16.54 -9.19 -14.83
N PRO A 136 -15.66 -8.34 -14.26
CA PRO A 136 -15.74 -8.08 -12.82
C PRO A 136 -17.06 -7.42 -12.42
N LYS A 137 -17.67 -6.59 -13.26
CA LYS A 137 -18.96 -6.02 -12.88
C LYS A 137 -20.02 -7.09 -12.65
N LEU A 138 -19.94 -8.16 -13.44
CA LEU A 138 -20.83 -9.31 -13.29
C LEU A 138 -20.36 -10.28 -12.23
N GLY A 139 -19.18 -10.07 -11.68
CA GLY A 139 -18.72 -10.85 -10.55
C GLY A 139 -17.75 -11.97 -10.82
N SER A 140 -17.20 -12.03 -12.03
CA SER A 140 -16.22 -13.07 -12.35
C SER A 140 -15.13 -12.63 -13.30
N ILE A 141 -13.95 -13.18 -13.05
CA ILE A 141 -12.74 -12.95 -13.85
C ILE A 141 -12.02 -14.28 -13.97
N GLN A 142 -11.06 -14.34 -14.86
CA GLN A 142 -10.33 -15.53 -15.07
C GLN A 142 -8.86 -15.26 -14.87
N PHE A 143 -8.19 -16.21 -14.22
CA PHE A 143 -6.74 -16.19 -14.04
C PHE A 143 -6.06 -17.27 -14.81
N ASN A 144 -4.92 -16.91 -15.41
CA ASN A 144 -4.02 -17.89 -15.94
C ASN A 144 -2.89 -18.18 -14.95
N THR A 145 -2.64 -19.45 -14.64
CA THR A 145 -1.65 -19.80 -13.61
C THR A 145 -0.69 -20.88 -14.12
N ASP A 146 0.15 -21.38 -13.22
CA ASP A 146 1.08 -22.48 -13.54
C ASP A 146 0.67 -23.78 -12.86
N THR A 147 -0.58 -23.87 -12.37
CA THR A 147 -1.08 -25.14 -11.86
C THR A 147 -2.43 -25.53 -12.49
N ASN A 148 -2.73 -26.83 -12.47
CA ASN A 148 -4.03 -27.28 -12.93
C ASN A 148 -4.75 -28.12 -11.87
N ASN A 149 -4.25 -28.09 -10.63
CA ASN A 149 -4.84 -28.93 -9.61
C ASN A 149 -4.68 -28.46 -8.16
N ASP A 150 -3.83 -27.47 -7.92
CA ASP A 150 -3.48 -27.17 -6.54
C ASP A 150 -4.56 -26.35 -5.77
N PHE A 151 -5.26 -25.41 -6.41
CA PHE A 151 -6.21 -24.59 -5.66
C PHE A 151 -7.49 -25.35 -5.32
N GLU A 152 -8.00 -25.13 -4.13
CA GLU A 152 -9.24 -25.81 -3.71
C GLU A 152 -10.50 -24.94 -3.96
N THR A 153 -11.65 -25.57 -4.15
CA THR A 153 -12.90 -24.82 -4.22
C THR A 153 -13.40 -24.41 -2.83
N GLY A 154 -14.23 -23.38 -2.79
CA GLY A 154 -14.93 -23.03 -1.55
C GLY A 154 -14.02 -22.42 -0.49
N GLN A 155 -12.89 -21.88 -0.94
CA GLN A 155 -11.89 -21.34 -0.03
C GLN A 155 -11.49 -19.93 -0.45
N ASN A 156 -11.28 -19.06 0.53
CA ASN A 156 -10.85 -17.70 0.27
C ASN A 156 -9.56 -17.67 -0.53
N THR A 157 -9.58 -16.93 -1.63
CA THR A 157 -8.42 -16.84 -2.52
C THR A 157 -8.24 -15.36 -2.81
N LYS A 158 -6.99 -14.94 -2.72
CA LYS A 158 -6.59 -13.54 -2.95
C LYS A 158 -5.60 -13.39 -4.06
N PHE A 159 -5.77 -12.35 -4.89
CA PHE A 159 -4.76 -11.99 -5.91
C PHE A 159 -4.08 -10.73 -5.51
N THR A 160 -2.76 -10.82 -5.39
CA THR A 160 -1.91 -9.70 -5.07
C THR A 160 -1.18 -9.30 -6.32
N PRO A 161 -1.42 -8.06 -6.80
CA PRO A 161 -0.75 -7.60 -8.03
C PRO A 161 0.70 -7.25 -7.78
N VAL A 162 1.52 -7.48 -8.80
CA VAL A 162 2.94 -7.15 -8.74
C VAL A 162 3.35 -6.22 -9.91
N GLY A 163 2.97 -6.56 -11.13
CA GLY A 163 3.43 -5.84 -12.30
C GLY A 163 2.64 -6.18 -13.54
N VAL A 164 3.12 -5.72 -14.69
CA VAL A 164 2.43 -5.90 -15.95
C VAL A 164 3.32 -6.62 -16.94
N VAL A 165 2.70 -7.23 -17.95
CA VAL A 165 3.42 -8.02 -18.94
C VAL A 165 3.03 -7.59 -20.33
N GLN A 166 3.87 -7.89 -21.32
CA GLN A 166 3.55 -7.59 -22.70
C GLN A 166 3.92 -8.82 -23.50
N ASP A 167 3.08 -9.22 -24.45
CA ASP A 167 3.32 -10.45 -25.19
C ASP A 167 3.48 -10.22 -26.68
N GLY A 168 3.85 -11.28 -27.40
CA GLY A 168 3.82 -11.31 -28.84
C GLY A 168 4.99 -10.69 -29.57
N ASN A 169 4.96 -10.88 -30.89
CA ASN A 169 5.85 -10.22 -31.82
C ASN A 169 5.28 -8.84 -32.16
N GLY A 170 4.36 -8.38 -31.32
CA GLY A 170 3.75 -7.08 -31.50
C GLY A 170 4.74 -5.98 -31.22
N ALA A 171 4.38 -4.76 -31.59
CA ALA A 171 5.25 -3.64 -31.35
C ALA A 171 5.51 -3.50 -29.85
N HIS A 172 6.75 -3.13 -29.53
CA HIS A 172 7.11 -2.89 -28.13
C HIS A 172 6.25 -1.78 -27.51
N GLN A 173 5.96 -1.95 -26.23
CA GLN A 173 5.20 -1.00 -25.39
C GLN A 173 3.78 -0.78 -25.85
N ASN A 174 3.22 -1.77 -26.53
CA ASN A 174 1.86 -1.68 -27.05
C ASN A 174 0.82 -1.92 -25.97
N GLU A 175 1.24 -2.55 -24.86
CA GLU A 175 0.38 -2.81 -23.69
C GLU A 175 1.24 -2.70 -22.42
N PRO A 176 0.64 -2.35 -21.30
CA PRO A 176 -0.77 -1.99 -21.17
C PRO A 176 -1.13 -0.69 -21.88
N GLN A 177 -2.43 -0.40 -21.84
CA GLN A 177 -2.98 0.83 -22.38
C GLN A 177 -3.65 1.56 -21.24
N GLN A 178 -2.96 2.49 -20.63
CA GLN A 178 -3.40 3.02 -19.36
C GLN A 178 -4.63 3.93 -19.44
N TRP A 179 -4.95 4.38 -20.66
CA TRP A 179 -6.09 5.23 -20.88
C TRP A 179 -7.25 4.53 -21.58
N VAL A 180 -7.21 3.20 -21.69
CA VAL A 180 -8.36 2.48 -22.19
C VAL A 180 -8.94 1.68 -21.02
N LEU A 181 -10.19 1.95 -20.69
CA LEU A 181 -10.82 1.20 -19.62
C LEU A 181 -11.18 -0.19 -20.10
N PRO A 182 -11.07 -1.17 -19.19
CA PRO A 182 -11.61 -2.48 -19.53
C PRO A 182 -13.09 -2.37 -19.80
N SER A 183 -13.66 -3.38 -20.44
CA SER A 183 -15.08 -3.46 -20.50
C SER A 183 -15.47 -4.31 -19.29
N TYR A 184 -16.01 -3.66 -18.27
CA TYR A 184 -16.21 -4.32 -16.98
C TYR A 184 -17.23 -5.45 -17.04
N SER A 185 -18.11 -5.43 -18.04
CA SER A 185 -19.11 -6.47 -18.22
C SER A 185 -18.77 -7.31 -19.47
N GLY A 186 -17.52 -7.26 -19.94
CA GLY A 186 -17.12 -7.99 -21.12
C GLY A 186 -17.91 -7.49 -22.31
N ARG A 187 -18.33 -8.41 -23.16
CA ARG A 187 -19.13 -8.07 -24.34
C ARG A 187 -20.65 -8.09 -24.12
N THR A 188 -21.13 -8.50 -22.94
CA THR A 188 -22.59 -8.54 -22.66
C THR A 188 -23.18 -7.14 -22.54
N GLY A 189 -22.36 -6.18 -22.11
CA GLY A 189 -22.88 -4.86 -21.82
C GLY A 189 -21.83 -3.77 -21.79
N HIS A 190 -22.31 -2.54 -21.72
CA HIS A 190 -21.47 -1.37 -21.74
C HIS A 190 -21.12 -0.86 -20.32
N ASN A 191 -20.02 -0.10 -20.22
CA ASN A 191 -19.60 0.44 -18.92
C ASN A 191 -20.58 1.48 -18.44
N VAL A 192 -20.86 1.44 -17.14
CA VAL A 192 -21.78 2.39 -16.54
C VAL A 192 -21.22 2.95 -15.25
N HIS A 193 -21.79 4.07 -14.82
CA HIS A 193 -21.52 4.70 -13.54
C HIS A 193 -20.07 5.13 -13.43
N LEU A 194 -19.48 5.56 -14.55
CA LEU A 194 -18.07 5.95 -14.55
C LEU A 194 -17.85 7.34 -14.03
N ALA A 195 -16.73 7.53 -13.37
CA ALA A 195 -16.24 8.86 -13.10
C ALA A 195 -15.96 9.59 -14.42
N PRO A 196 -16.27 10.90 -14.47
CA PRO A 196 -16.22 11.57 -15.75
C PRO A 196 -14.80 11.64 -16.35
N ALA A 197 -14.73 11.76 -17.66
CA ALA A 197 -13.47 12.04 -18.33
C ALA A 197 -13.03 13.47 -17.93
N VAL A 198 -11.73 13.72 -17.89
CA VAL A 198 -11.21 15.02 -17.51
C VAL A 198 -10.37 15.59 -18.63
N ALA A 199 -10.41 16.91 -18.74
CA ALA A 199 -9.68 17.61 -19.78
C ALA A 199 -9.40 19.03 -19.32
N PRO A 200 -8.29 19.61 -19.79
CA PRO A 200 -8.17 21.05 -19.55
C PRO A 200 -9.24 21.79 -20.36
N THR A 201 -9.74 22.90 -19.80
CA THR A 201 -10.84 23.70 -20.38
C THR A 201 -10.50 25.19 -20.47
N PHE A 202 -9.26 25.51 -20.16
CA PHE A 202 -8.78 26.88 -20.11
C PHE A 202 -7.60 27.02 -21.08
N PRO A 203 -7.52 28.14 -21.80
CA PRO A 203 -6.46 28.16 -22.83
C PRO A 203 -5.03 28.04 -22.22
N GLY A 204 -4.17 27.23 -22.82
CA GLY A 204 -2.81 27.10 -22.32
C GLY A 204 -2.62 26.16 -21.16
N GLU A 205 -3.68 25.49 -20.70
CA GLU A 205 -3.56 24.55 -19.59
C GLU A 205 -3.47 23.11 -20.04
N GLN A 206 -2.76 22.31 -19.22
CA GLN A 206 -2.68 20.87 -19.39
C GLN A 206 -2.93 20.20 -18.05
N LEU A 207 -3.33 18.94 -18.09
CA LEU A 207 -3.44 18.14 -16.88
C LEU A 207 -2.06 17.96 -16.24
N LEU A 208 -2.05 17.90 -14.91
CA LEU A 208 -0.89 17.48 -14.17
C LEU A 208 -1.17 16.09 -13.60
N PHE A 209 -0.25 15.16 -13.89
CA PHE A 209 -0.35 13.77 -13.56
C PHE A 209 0.71 13.44 -12.51
N PHE A 210 0.32 12.61 -11.56
CA PHE A 210 1.24 12.04 -10.59
C PHE A 210 1.67 10.67 -11.16
N ARG A 211 2.94 10.54 -11.48
CA ARG A 211 3.43 9.43 -12.30
C ARG A 211 4.27 8.42 -11.54
N SER A 212 4.02 7.15 -11.86
CA SER A 212 4.84 6.06 -11.39
C SER A 212 5.26 5.21 -12.59
N THR A 213 6.25 4.35 -12.34
CA THR A 213 6.67 3.32 -13.28
C THR A 213 6.30 1.95 -12.71
N MET A 214 5.38 1.27 -13.36
CA MET A 214 4.97 -0.07 -12.93
C MET A 214 6.08 -1.07 -13.15
N PRO A 215 6.22 -2.03 -12.22
CA PRO A 215 7.16 -3.13 -12.47
C PRO A 215 6.73 -3.95 -13.68
N GLY A 216 7.70 -4.41 -14.46
CA GLY A 216 7.41 -5.24 -15.62
C GLY A 216 7.85 -6.65 -15.33
N CYS A 217 7.05 -7.62 -15.75
CA CYS A 217 7.30 -9.01 -15.40
C CYS A 217 7.58 -9.84 -16.61
N SER A 218 7.34 -9.33 -17.81
CA SER A 218 7.62 -10.12 -19.02
C SER A 218 7.49 -9.26 -20.28
N GLY A 219 8.33 -9.47 -21.28
CA GLY A 219 8.17 -8.74 -22.52
C GLY A 219 8.64 -7.31 -22.44
N TYR A 220 7.95 -6.43 -23.18
CA TYR A 220 8.32 -5.03 -23.36
C TYR A 220 7.14 -4.13 -23.01
N PRO A 221 6.71 -4.15 -21.75
CA PRO A 221 5.50 -3.41 -21.45
C PRO A 221 5.71 -1.91 -21.41
N ASN A 222 4.65 -1.17 -21.71
CA ASN A 222 4.58 0.24 -21.40
C ASN A 222 4.27 0.40 -19.91
N MET A 223 5.27 0.82 -19.14
CA MET A 223 5.15 0.84 -17.68
C MET A 223 4.72 2.17 -17.05
N ASN A 224 4.50 3.20 -17.86
CA ASN A 224 4.02 4.46 -17.29
C ASN A 224 2.61 4.37 -16.72
N LEU A 225 2.42 4.91 -15.52
CA LEU A 225 1.10 4.94 -14.95
C LEU A 225 0.86 6.29 -14.29
N ASP A 226 -0.11 7.01 -14.82
CA ASP A 226 -0.44 8.35 -14.36
C ASP A 226 -1.73 8.36 -13.56
N CYS A 227 -1.70 8.94 -12.38
CA CYS A 227 -2.97 9.11 -11.64
C CYS A 227 -3.30 10.60 -11.48
N LEU A 228 -4.57 10.90 -11.20
CA LEU A 228 -4.97 12.30 -11.11
C LEU A 228 -4.79 12.86 -9.74
N LEU A 229 -4.81 11.97 -8.75
CA LEU A 229 -4.67 12.31 -7.35
C LEU A 229 -3.88 11.20 -6.66
N PRO A 230 -2.88 11.56 -5.84
CA PRO A 230 -2.23 10.56 -5.00
C PRO A 230 -3.25 9.92 -4.08
N GLN A 231 -3.05 8.66 -3.72
CA GLN A 231 -3.97 7.94 -2.80
C GLN A 231 -4.05 8.70 -1.45
N GLU A 232 -2.96 9.31 -0.99
CA GLU A 232 -3.05 10.00 0.29
C GLU A 232 -3.95 11.23 0.21
N TRP A 233 -4.05 11.86 -0.97
CA TRP A 233 -4.96 12.99 -1.14
C TRP A 233 -6.40 12.50 -1.08
N VAL A 234 -6.67 11.35 -1.70
CA VAL A 234 -7.98 10.71 -1.60
C VAL A 234 -8.38 10.47 -0.14
N GLN A 235 -7.52 9.81 0.65
CA GLN A 235 -7.84 9.57 2.06
C GLN A 235 -8.03 10.86 2.87
N HIS A 236 -7.21 11.87 2.57
CA HIS A 236 -7.26 13.15 3.24
C HIS A 236 -8.61 13.85 2.98
N PHE A 237 -9.04 13.93 1.71
CA PHE A 237 -10.30 14.61 1.34
C PHE A 237 -11.49 13.87 1.94
N TYR A 238 -11.46 12.54 1.88
CA TYR A 238 -12.50 11.70 2.47
C TYR A 238 -12.69 12.00 3.96
N GLN A 239 -11.58 12.10 4.69
CA GLN A 239 -11.67 12.40 6.11
C GLN A 239 -12.06 13.82 6.43
N GLU A 240 -11.46 14.79 5.75
CA GLU A 240 -11.73 16.19 6.07
C GLU A 240 -13.10 16.67 5.64
N ALA A 241 -13.51 16.21 4.47
CA ALA A 241 -14.78 16.61 3.88
C ALA A 241 -15.00 18.14 3.98
N ALA A 242 -13.97 18.93 3.64
CA ALA A 242 -14.11 20.37 3.66
C ALA A 242 -14.92 20.86 2.46
N PRO A 243 -15.89 21.78 2.71
CA PRO A 243 -16.70 22.26 1.61
C PRO A 243 -15.90 23.08 0.62
N ALA A 244 -16.19 22.89 -0.66
CA ALA A 244 -15.53 23.66 -1.71
C ALA A 244 -16.19 25.03 -1.81
N GLN A 245 -15.41 26.11 -1.79
CA GLN A 245 -16.00 27.44 -1.81
C GLN A 245 -16.11 27.98 -3.23
N SER A 246 -15.47 27.30 -4.17
CA SER A 246 -15.59 27.61 -5.60
C SER A 246 -15.24 26.34 -6.31
N ASP A 247 -15.26 26.35 -7.63
CA ASP A 247 -14.94 25.13 -8.37
C ASP A 247 -13.44 24.85 -8.52
N VAL A 248 -12.59 25.79 -8.09
CA VAL A 248 -11.15 25.70 -8.28
C VAL A 248 -10.36 26.16 -7.07
N ALA A 249 -9.50 25.25 -6.58
CA ALA A 249 -8.59 25.53 -5.50
C ALA A 249 -7.24 25.84 -6.09
N LEU A 250 -6.69 26.98 -5.71
CA LEU A 250 -5.35 27.31 -6.11
C LEU A 250 -4.31 26.67 -5.17
N LEU A 251 -3.42 25.87 -5.73
CA LEU A 251 -2.35 25.28 -4.97
C LEU A 251 -1.03 25.89 -5.41
N ARG A 252 -0.11 26.06 -4.47
CA ARG A 252 1.25 26.42 -4.76
C ARG A 252 2.16 25.28 -4.35
N PHE A 253 3.16 25.00 -5.17
CA PHE A 253 4.19 24.03 -4.84
C PHE A 253 5.41 24.80 -4.30
N VAL A 254 5.78 24.51 -3.07
CA VAL A 254 6.68 25.32 -2.27
C VAL A 254 7.93 24.54 -1.89
N ASN A 255 9.07 25.21 -1.90
CA ASN A 255 10.30 24.67 -1.38
C ASN A 255 10.45 25.19 0.05
N PRO A 256 10.32 24.30 1.06
CA PRO A 256 10.41 24.72 2.47
C PRO A 256 11.77 25.31 2.88
N ASP A 257 12.85 24.90 2.22
CA ASP A 257 14.17 25.43 2.54
C ASP A 257 14.28 26.93 2.26
N THR A 258 13.74 27.34 1.13
CA THR A 258 13.85 28.73 0.67
C THR A 258 12.60 29.52 0.93
N GLY A 259 11.49 28.81 1.10
CA GLY A 259 10.18 29.40 1.27
C GLY A 259 9.56 29.89 -0.03
N ARG A 260 10.24 29.61 -1.14
CA ARG A 260 9.80 30.12 -2.44
C ARG A 260 8.89 29.17 -3.19
N VAL A 261 7.92 29.76 -3.86
CA VAL A 261 6.98 29.02 -4.67
C VAL A 261 7.65 28.62 -5.98
N LEU A 262 7.63 27.32 -6.28
CA LEU A 262 8.18 26.82 -7.54
C LEU A 262 7.21 26.94 -8.73
N PHE A 263 5.95 26.58 -8.51
CA PHE A 263 4.94 26.70 -9.54
C PHE A 263 3.59 26.68 -8.84
N GLU A 264 2.54 27.03 -9.58
CA GLU A 264 1.18 26.96 -9.05
C GLU A 264 0.34 26.14 -9.99
N CYS A 265 -0.76 25.61 -9.46
CA CYS A 265 -1.63 24.75 -10.22
C CYS A 265 -3.07 24.87 -9.70
N LYS A 266 -4.00 24.41 -10.51
CA LYS A 266 -5.41 24.43 -10.17
C LYS A 266 -5.85 23.04 -9.76
N LEU A 267 -6.36 22.90 -8.55
CA LEU A 267 -7.03 21.68 -8.11
C LEU A 267 -8.52 21.87 -8.32
N HIS A 268 -9.08 21.17 -9.27
CA HIS A 268 -10.52 21.27 -9.54
C HIS A 268 -11.35 20.49 -8.51
N LYS A 269 -12.50 21.06 -8.13
CA LYS A 269 -13.34 20.51 -7.08
C LYS A 269 -13.72 19.07 -7.38
N SER A 270 -13.80 18.74 -8.66
CA SER A 270 -14.21 17.39 -9.04
C SER A 270 -13.04 16.37 -9.08
N GLY A 271 -11.84 16.83 -8.73
CA GLY A 271 -10.73 15.97 -8.37
C GLY A 271 -9.63 15.71 -9.39
N TYR A 272 -9.03 16.76 -9.93
CA TYR A 272 -7.87 16.65 -10.82
C TYR A 272 -7.15 18.00 -10.86
N VAL A 273 -5.95 17.99 -11.43
CA VAL A 273 -5.07 19.16 -11.35
C VAL A 273 -4.68 19.63 -12.74
N THR A 274 -4.65 20.95 -12.98
CA THR A 274 -4.08 21.49 -14.20
C THR A 274 -2.98 22.51 -13.93
N VAL A 275 -2.13 22.66 -14.93
CA VAL A 275 -0.99 23.59 -14.91
C VAL A 275 -0.94 24.33 -16.24
N ALA A 276 -0.28 25.48 -16.23
CA ALA A 276 -0.10 26.27 -17.45
C ALA A 276 1.20 25.87 -18.16
N HIS A 277 1.10 24.96 -19.12
CA HIS A 277 2.27 24.53 -19.89
C HIS A 277 1.77 23.94 -21.19
N THR A 278 2.63 23.98 -22.20
CA THR A 278 2.34 23.32 -23.46
C THR A 278 3.49 22.35 -23.78
N GLY A 279 3.14 21.09 -24.00
CA GLY A 279 4.11 20.09 -24.37
C GLY A 279 4.34 19.05 -23.28
N GLN A 280 4.97 17.97 -23.67
CA GLN A 280 5.27 16.91 -22.74
C GLN A 280 6.38 17.45 -21.84
N HIS A 281 6.24 17.27 -20.53
CA HIS A 281 7.22 17.78 -19.60
C HIS A 281 7.30 16.97 -18.29
N ASP A 282 8.52 16.50 -17.97
CA ASP A 282 8.83 15.86 -16.68
C ASP A 282 9.26 16.97 -15.72
N LEU A 283 8.45 17.29 -14.71
CA LEU A 283 8.77 18.45 -13.84
C LEU A 283 9.99 18.14 -12.99
N VAL A 284 10.86 19.13 -12.85
CA VAL A 284 12.04 18.99 -12.03
C VAL A 284 11.74 19.69 -10.73
N ILE A 285 11.73 18.92 -9.64
CA ILE A 285 11.28 19.46 -8.37
C ILE A 285 12.32 19.15 -7.29
N PRO A 286 12.39 20.01 -6.27
CA PRO A 286 13.19 19.65 -5.10
C PRO A 286 12.52 18.48 -4.37
N PRO A 287 13.30 17.50 -3.87
CA PRO A 287 12.73 16.32 -3.22
C PRO A 287 11.87 16.63 -2.00
N ASN A 288 12.10 17.75 -1.32
CA ASN A 288 11.33 18.12 -0.13
C ASN A 288 10.17 19.11 -0.39
N GLY A 289 9.90 19.39 -1.66
CA GLY A 289 8.84 20.30 -2.05
C GLY A 289 7.48 19.69 -1.80
N TYR A 290 6.47 20.51 -1.58
CA TYR A 290 5.14 20.00 -1.32
C TYR A 290 4.09 21.00 -1.75
N PHE A 291 2.88 20.50 -1.93
CA PHE A 291 1.73 21.30 -2.28
C PHE A 291 1.09 21.95 -1.04
N ARG A 292 0.62 23.18 -1.23
CA ARG A 292 -0.01 23.98 -0.22
C ARG A 292 -1.22 24.67 -0.81
N PHE A 293 -2.36 24.49 -0.17
CA PHE A 293 -3.55 25.23 -0.57
C PHE A 293 -3.48 26.71 -0.16
N ASP A 294 -3.76 27.58 -1.11
CA ASP A 294 -3.69 29.01 -0.83
C ASP A 294 -5.01 29.72 -0.90
N SER A 295 -5.84 29.41 -1.89
CA SER A 295 -7.14 30.11 -1.93
C SER A 295 -8.11 29.51 -2.93
N TRP A 296 -9.39 29.82 -2.75
CA TRP A 296 -10.38 29.47 -3.74
C TRP A 296 -10.40 30.57 -4.77
N VAL A 297 -10.38 30.21 -6.05
CA VAL A 297 -10.45 31.21 -7.10
C VAL A 297 -11.65 30.95 -7.99
N ASN A 298 -11.92 31.93 -8.85
CA ASN A 298 -13.07 31.85 -9.72
C ASN A 298 -12.65 31.18 -11.03
N GLN A 299 -13.59 31.10 -11.95
CA GLN A 299 -13.41 30.40 -13.21
C GLN A 299 -12.51 31.15 -14.18
N PHE A 300 -12.17 32.39 -13.88
CA PHE A 300 -11.38 33.21 -14.81
C PHE A 300 -9.90 33.39 -14.46
N TYR A 301 -9.45 32.71 -13.41
CA TYR A 301 -8.08 32.82 -12.94
C TYR A 301 -7.12 32.19 -13.92
N THR A 302 -6.10 32.97 -14.23
CA THR A 302 -5.02 32.58 -15.12
C THR A 302 -3.82 32.22 -14.26
N LEU A 303 -3.40 30.98 -14.38
CA LEU A 303 -2.23 30.50 -13.67
C LEU A 303 -0.94 31.14 -14.17
N ALA A 304 -0.01 31.40 -13.26
CA ALA A 304 1.38 31.69 -13.63
C ALA A 304 1.98 30.54 -14.45
N PRO A 305 2.76 30.85 -15.49
CA PRO A 305 3.38 29.74 -16.24
C PRO A 305 4.15 28.76 -15.35
N MET A 306 4.04 27.48 -15.66
CA MET A 306 4.73 26.47 -14.86
C MET A 306 6.25 26.56 -15.11
N LYS B 1 -1.06 23.69 17.88
CA LYS B 1 -1.82 22.68 17.10
C LYS B 1 -2.36 21.50 17.90
N PRO B 2 -3.68 21.31 17.88
CA PRO B 2 -4.37 20.25 18.63
C PRO B 2 -4.07 18.86 18.09
N PHE B 3 -3.84 17.93 19.00
CA PHE B 3 -3.55 16.58 18.63
C PHE B 3 -4.85 15.90 18.17
N THR B 4 -4.73 15.06 17.14
CA THR B 4 -5.85 14.29 16.61
C THR B 4 -5.34 12.95 16.12
N VAL B 5 -6.20 11.94 16.08
CA VAL B 5 -5.93 10.77 15.27
C VAL B 5 -6.89 10.76 14.08
N PRO B 6 -6.56 10.03 13.01
CA PRO B 6 -7.49 9.88 11.89
C PRO B 6 -8.86 9.33 12.27
N ILE B 7 -9.87 9.62 11.47
CA ILE B 7 -11.21 9.09 11.72
C ILE B 7 -11.49 7.84 10.84
N LEU B 8 -10.47 7.37 10.13
CA LEU B 8 -10.63 6.14 9.34
C LEU B 8 -11.00 4.97 10.27
N THR B 9 -11.88 4.11 9.78
CA THR B 9 -12.28 2.95 10.58
C THR B 9 -11.17 1.93 10.49
N VAL B 10 -11.20 0.92 11.36
CA VAL B 10 -10.13 -0.10 11.35
C VAL B 10 -9.98 -0.78 9.98
N GLU B 11 -11.06 -1.22 9.36
CA GLU B 11 -10.91 -1.88 8.07
C GLU B 11 -10.54 -0.92 6.92
N GLU B 12 -10.64 0.39 7.14
CA GLU B 12 -10.23 1.37 6.13
C GLU B 12 -8.73 1.70 6.25
N MET B 13 -8.01 0.99 7.14
CA MET B 13 -6.59 1.27 7.42
C MET B 13 -5.68 0.08 7.13
N THR B 14 -4.38 0.37 7.11
CA THR B 14 -3.33 -0.51 6.63
C THR B 14 -2.36 -0.94 7.73
N ASN B 15 -1.97 -2.21 7.71
CA ASN B 15 -0.99 -2.68 8.66
C ASN B 15 0.34 -1.98 8.44
N SER B 16 1.03 -1.60 9.49
CA SER B 16 2.30 -0.86 9.32
C SER B 16 3.53 -1.79 9.22
N ARG B 17 3.31 -3.11 9.34
CA ARG B 17 4.42 -4.09 9.33
C ARG B 17 4.43 -5.02 8.13
N PHE B 18 3.40 -4.92 7.30
CA PHE B 18 3.28 -5.71 6.05
C PHE B 18 2.21 -5.00 5.22
N PRO B 19 2.35 -4.98 3.88
CA PRO B 19 1.39 -4.20 3.09
C PRO B 19 0.02 -4.91 2.84
N ILE B 20 -0.80 -4.95 3.88
CA ILE B 20 -2.11 -5.59 3.82
C ILE B 20 -3.04 -4.78 4.70
N PRO B 21 -4.35 -4.89 4.48
CA PRO B 21 -5.27 -4.14 5.35
C PRO B 21 -5.31 -4.64 6.81
N LEU B 22 -5.70 -3.74 7.72
CA LEU B 22 -6.09 -4.16 9.06
C LEU B 22 -7.41 -4.91 8.98
N GLU B 23 -7.58 -5.89 9.87
CA GLU B 23 -8.82 -6.62 9.95
C GLU B 23 -9.53 -6.42 11.28
N LYS B 24 -8.78 -6.26 12.36
CA LYS B 24 -9.40 -6.27 13.69
C LYS B 24 -8.48 -5.72 14.76
N LEU B 25 -9.07 -5.50 15.93
CA LEU B 25 -8.34 -5.08 17.10
C LEU B 25 -8.23 -6.29 18.02
N PHE B 26 -7.06 -6.46 18.60
CA PHE B 26 -6.76 -7.64 19.41
C PHE B 26 -5.99 -7.20 20.64
N THR B 27 -6.31 -7.75 21.81
CA THR B 27 -5.47 -7.54 22.98
C THR B 27 -5.10 -8.89 23.57
N GLY B 28 -3.88 -8.98 24.10
CA GLY B 28 -3.43 -10.22 24.71
C GLY B 28 -2.27 -9.90 25.62
N PRO B 29 -1.94 -10.82 26.53
CA PRO B 29 -0.77 -10.69 27.42
C PRO B 29 0.52 -10.85 26.63
N SER B 30 1.53 -10.06 26.95
CA SER B 30 2.76 -10.09 26.16
C SER B 30 4.00 -10.32 27.01
N GLY B 31 3.78 -10.78 28.24
CA GLY B 31 4.87 -11.05 29.16
C GLY B 31 5.85 -12.12 28.68
N ALA B 32 5.39 -13.08 27.87
CA ALA B 32 6.23 -14.18 27.38
C ALA B 32 7.08 -13.79 26.17
N PHE B 33 6.76 -12.65 25.57
CA PHE B 33 7.40 -12.19 24.35
C PHE B 33 8.16 -10.89 24.58
N VAL B 34 9.10 -10.56 23.69
CA VAL B 34 9.58 -9.18 23.65
C VAL B 34 8.88 -8.50 22.49
N VAL B 35 8.14 -7.44 22.77
CA VAL B 35 7.42 -6.71 21.73
C VAL B 35 8.25 -5.50 21.32
N GLN B 36 9.00 -5.65 20.23
CA GLN B 36 9.94 -4.61 19.74
C GLN B 36 9.92 -4.51 18.21
N PRO B 37 8.72 -4.34 17.63
CA PRO B 37 8.71 -4.15 16.18
C PRO B 37 9.42 -2.84 15.79
N GLN B 38 10.00 -2.84 14.60
CA GLN B 38 10.75 -1.69 14.10
C GLN B 38 10.00 -0.91 13.02
N ASN B 39 8.97 -1.52 12.45
CA ASN B 39 8.07 -0.81 11.55
C ASN B 39 6.84 -0.43 12.33
N GLY B 40 6.14 0.59 11.87
CA GLY B 40 4.98 1.08 12.58
C GLY B 40 5.35 1.74 13.88
N ARG B 41 6.51 2.39 13.93
CA ARG B 41 7.00 3.05 15.14
C ARG B 41 7.13 4.53 14.88
N CYS B 42 6.35 5.32 15.62
CA CYS B 42 6.26 6.75 15.39
C CYS B 42 5.78 7.37 16.71
N THR B 43 6.39 8.48 17.12
CA THR B 43 5.90 9.20 18.29
C THR B 43 4.65 9.98 17.89
N THR B 44 3.87 10.41 18.88
CA THR B 44 2.63 11.09 18.56
C THR B 44 2.89 12.49 17.97
N ASP B 45 4.11 13.01 18.11
CA ASP B 45 4.41 14.27 17.51
C ASP B 45 5.19 14.12 16.22
N GLY B 46 5.24 12.89 15.67
CA GLY B 46 5.58 12.67 14.28
C GLY B 46 7.03 12.30 14.03
N VAL B 47 7.74 11.86 15.07
CA VAL B 47 9.12 11.39 14.90
C VAL B 47 9.12 9.89 14.61
N LEU B 48 9.56 9.54 13.42
CA LEU B 48 9.66 8.14 13.01
C LEU B 48 10.80 7.44 13.75
N LEU B 49 10.59 6.18 14.10
CA LEU B 49 11.56 5.41 14.88
C LEU B 49 11.92 4.12 14.18
N GLY B 50 12.98 3.46 14.63
CA GLY B 50 13.35 2.18 14.09
C GLY B 50 13.57 2.22 12.58
N THR B 51 12.93 1.31 11.84
CA THR B 51 13.03 1.22 10.36
C THR B 51 11.78 1.82 9.68
N THR B 52 11.01 2.60 10.43
CA THR B 52 9.74 3.08 9.94
C THR B 52 9.90 4.14 8.85
N GLN B 53 9.14 3.94 7.79
CA GLN B 53 9.00 4.92 6.73
C GLN B 53 7.51 5.15 6.39
N LEU B 54 7.23 6.08 5.49
CA LEU B 54 5.87 6.59 5.31
C LEU B 54 5.00 5.84 4.32
N SER B 55 5.62 5.09 3.42
CA SER B 55 4.86 4.46 2.35
C SER B 55 4.25 3.13 2.79
N PRO B 56 2.92 2.99 2.60
CA PRO B 56 2.31 1.71 2.92
C PRO B 56 2.74 0.57 1.99
N VAL B 57 3.15 0.89 0.77
CA VAL B 57 3.46 -0.18 -0.19
C VAL B 57 4.95 -0.53 -0.19
N ASN B 58 5.80 0.26 0.47
CA ASN B 58 7.22 -0.07 0.53
C ASN B 58 7.59 -0.92 1.75
N ILE B 59 6.59 -1.32 2.54
CA ILE B 59 6.88 -2.12 3.69
C ILE B 59 7.24 -3.54 3.19
N CYS B 60 8.39 -4.02 3.64
CA CYS B 60 8.94 -5.32 3.23
C CYS B 60 9.27 -5.44 1.74
N THR B 61 9.49 -4.32 1.06
CA THR B 61 10.08 -4.35 -0.27
C THR B 61 11.58 -4.15 -0.20
N PHE B 62 12.26 -4.64 -1.23
CA PHE B 62 13.69 -4.40 -1.39
C PHE B 62 13.96 -3.97 -2.81
N ARG B 63 14.96 -3.09 -2.99
CA ARG B 63 15.36 -2.64 -4.30
C ARG B 63 16.89 -2.70 -4.38
N GLY B 64 17.41 -3.08 -5.55
CA GLY B 64 18.84 -3.02 -5.74
C GLY B 64 19.23 -3.73 -7.01
N ASP B 65 20.47 -4.15 -7.06
CA ASP B 65 20.94 -4.93 -8.20
C ASP B 65 21.22 -6.35 -7.73
N VAL B 66 21.13 -7.32 -8.64
CA VAL B 66 21.36 -8.71 -8.22
C VAL B 66 22.49 -9.40 -8.98
N THR B 67 23.04 -10.40 -8.29
CA THR B 67 24.07 -11.25 -8.82
C THR B 67 23.71 -12.69 -8.58
N HIS B 68 23.80 -13.49 -9.62
CA HIS B 68 23.45 -14.89 -9.53
C HIS B 68 24.49 -15.67 -8.72
N ILE B 69 24.02 -16.64 -7.91
CA ILE B 69 24.93 -17.56 -7.22
C ILE B 69 24.98 -18.81 -8.11
N ALA B 70 26.10 -18.97 -8.81
CA ALA B 70 26.20 -20.01 -9.84
C ALA B 70 25.91 -21.39 -9.23
N GLY B 71 25.22 -22.21 -10.00
CA GLY B 71 24.90 -23.57 -9.59
C GLY B 71 23.67 -23.65 -8.72
N THR B 72 22.97 -22.53 -8.56
CA THR B 72 21.78 -22.48 -7.72
C THR B 72 20.68 -21.64 -8.32
N HIS B 73 19.54 -21.56 -7.62
CA HIS B 73 18.46 -20.66 -7.98
C HIS B 73 18.46 -19.42 -7.08
N ASN B 74 19.63 -19.11 -6.52
CA ASN B 74 19.73 -18.02 -5.58
C ASN B 74 20.44 -16.85 -6.18
N TYR B 75 20.02 -15.67 -5.74
CA TYR B 75 20.60 -14.40 -6.14
C TYR B 75 20.87 -13.57 -4.90
N THR B 76 21.98 -12.85 -4.95
CA THR B 76 22.31 -11.87 -3.93
C THR B 76 21.88 -10.51 -4.41
N MET B 77 21.20 -9.73 -3.55
CA MET B 77 20.84 -8.36 -3.93
C MET B 77 21.72 -7.41 -3.13
N ASN B 78 22.43 -6.52 -3.82
CA ASN B 78 23.13 -5.38 -3.25
C ASN B 78 22.12 -4.24 -3.21
N LEU B 79 21.72 -3.86 -2.01
CA LEU B 79 20.61 -2.95 -1.82
C LEU B 79 20.88 -1.55 -2.25
N ALA B 80 19.85 -0.93 -2.82
CA ALA B 80 19.84 0.51 -3.04
C ALA B 80 18.82 1.11 -2.08
N SER B 81 18.80 2.43 -1.96
CA SER B 81 17.76 3.10 -1.18
C SER B 81 16.42 2.98 -1.90
N GLN B 82 15.34 3.34 -1.22
CA GLN B 82 14.03 3.08 -1.80
C GLN B 82 13.72 3.96 -3.03
N ASN B 83 14.56 4.96 -3.33
CA ASN B 83 14.43 5.76 -4.56
C ASN B 83 15.60 5.57 -5.56
N TRP B 84 16.31 4.44 -5.41
CA TRP B 84 17.40 3.99 -6.30
C TRP B 84 18.73 4.72 -6.10
N ASN B 85 18.80 5.58 -5.08
CA ASN B 85 20.09 6.15 -4.67
C ASN B 85 20.95 5.13 -3.94
N ASN B 86 22.22 5.43 -3.75
CA ASN B 86 23.10 4.55 -3.00
C ASN B 86 22.52 4.34 -1.59
N TYR B 87 22.67 3.12 -1.07
CA TYR B 87 22.31 2.83 0.29
C TYR B 87 23.46 3.28 1.20
N ASP B 88 23.12 3.96 2.29
CA ASP B 88 24.11 4.40 3.28
C ASP B 88 24.00 3.53 4.54
N PRO B 89 24.93 2.59 4.72
CA PRO B 89 24.97 1.68 5.88
C PRO B 89 25.38 2.36 7.19
N THR B 90 25.83 3.61 7.12
CA THR B 90 26.25 4.34 8.30
C THR B 90 25.14 5.16 8.93
N GLU B 91 23.97 5.19 8.31
CA GLU B 91 22.84 5.92 8.85
C GLU B 91 22.47 5.32 10.23
N GLU B 92 21.99 6.13 11.17
CA GLU B 92 21.72 5.66 12.54
C GLU B 92 20.33 5.03 12.62
N ILE B 93 20.15 3.99 11.84
CA ILE B 93 18.93 3.18 11.77
C ILE B 93 19.35 1.73 11.86
N PRO B 94 18.42 0.84 12.26
CA PRO B 94 18.80 -0.57 12.42
C PRO B 94 19.10 -1.30 11.11
N ALA B 95 18.51 -0.79 10.01
CA ALA B 95 18.48 -1.45 8.71
C ALA B 95 17.82 -0.47 7.74
N PRO B 96 17.86 -0.76 6.43
CA PRO B 96 17.15 0.13 5.51
C PRO B 96 15.66 0.32 5.88
N LEU B 97 15.12 1.51 5.66
CA LEU B 97 13.75 1.73 6.06
C LEU B 97 12.84 0.73 5.33
N GLY B 98 11.88 0.19 6.07
CA GLY B 98 10.92 -0.76 5.53
C GLY B 98 11.35 -2.21 5.56
N THR B 99 12.57 -2.48 6.04
CA THR B 99 13.07 -3.86 6.13
C THR B 99 12.14 -4.67 7.03
N PRO B 100 11.87 -5.95 6.71
CA PRO B 100 11.02 -6.75 7.62
C PRO B 100 11.53 -6.78 9.07
N ASP B 101 10.64 -6.80 10.04
CA ASP B 101 11.05 -6.77 11.44
C ASP B 101 10.63 -8.06 12.15
N PHE B 102 10.58 -9.15 11.40
CA PHE B 102 10.32 -10.44 12.00
C PHE B 102 11.09 -11.53 11.28
N VAL B 103 11.35 -12.60 12.00
CA VAL B 103 12.01 -13.78 11.47
C VAL B 103 11.00 -14.72 10.82
N GLY B 104 11.20 -14.95 9.54
CA GLY B 104 10.32 -15.78 8.76
C GLY B 104 10.73 -15.79 7.30
N ARG B 105 10.02 -16.57 6.52
CA ARG B 105 10.28 -16.65 5.09
C ARG B 105 9.20 -15.91 4.36
N ILE B 106 9.59 -14.88 3.62
CA ILE B 106 8.64 -14.01 2.93
C ILE B 106 8.71 -14.31 1.45
N GLN B 107 7.58 -14.69 0.88
CA GLN B 107 7.55 -14.99 -0.52
C GLN B 107 6.90 -13.86 -1.27
N GLY B 108 7.35 -13.62 -2.48
CA GLY B 108 6.81 -12.58 -3.30
C GLY B 108 7.39 -12.76 -4.70
N MET B 109 7.54 -11.68 -5.44
CA MET B 109 8.16 -11.73 -6.76
C MET B 109 9.29 -10.74 -6.90
N LEU B 110 10.37 -11.21 -7.54
CA LEU B 110 11.46 -10.34 -7.99
C LEU B 110 11.21 -9.92 -9.42
N THR B 111 11.30 -8.62 -9.70
CA THR B 111 11.05 -8.08 -11.03
C THR B 111 12.20 -7.21 -11.43
N GLN B 112 12.46 -7.19 -12.75
CA GLN B 112 13.62 -6.46 -13.28
C GLN B 112 13.34 -5.88 -14.66
N THR B 113 13.90 -4.70 -14.91
CA THR B 113 13.84 -4.08 -16.23
C THR B 113 15.27 -3.89 -16.73
N THR B 114 15.51 -4.24 -17.97
CA THR B 114 16.78 -3.93 -18.63
C THR B 114 16.64 -2.50 -19.21
N ARG B 115 17.40 -1.53 -18.67
CA ARG B 115 17.19 -0.13 -19.03
C ARG B 115 17.44 0.11 -20.52
N GLY B 116 18.37 -0.63 -21.11
CA GLY B 116 18.72 -0.43 -22.49
C GLY B 116 17.62 -0.68 -23.52
N ASP B 117 16.76 -1.68 -23.33
CA ASP B 117 15.74 -1.96 -24.36
C ASP B 117 14.34 -2.12 -23.75
N GLY B 118 14.23 -2.00 -22.45
CA GLY B 118 12.94 -2.07 -21.78
C GLY B 118 12.37 -3.48 -21.64
N SER B 119 13.21 -4.49 -21.86
CA SER B 119 12.80 -5.87 -21.66
C SER B 119 12.67 -6.12 -20.16
N THR B 120 11.69 -6.95 -19.79
CA THR B 120 11.38 -7.18 -18.39
C THR B 120 11.22 -8.65 -18.08
N ARG B 121 11.30 -8.94 -16.79
CA ARG B 121 11.22 -10.32 -16.31
C ARG B 121 10.79 -10.35 -14.86
N GLY B 122 10.12 -11.43 -14.45
CA GLY B 122 9.64 -11.53 -13.10
C GLY B 122 9.56 -12.98 -12.68
N HIS B 123 10.01 -13.25 -11.48
CA HIS B 123 10.04 -14.63 -10.96
C HIS B 123 9.64 -14.70 -9.48
N LYS B 124 8.98 -15.78 -9.13
CA LYS B 124 8.67 -16.02 -7.74
C LYS B 124 9.98 -16.09 -6.96
N ALA B 125 9.99 -15.51 -5.77
CA ALA B 125 11.21 -15.44 -4.95
C ALA B 125 10.85 -15.43 -3.48
N THR B 126 11.74 -15.96 -2.67
CA THR B 126 11.55 -15.97 -1.24
C THR B 126 12.82 -15.44 -0.56
N VAL B 127 12.63 -14.68 0.50
CA VAL B 127 13.73 -14.22 1.37
C VAL B 127 13.50 -14.75 2.78
N SER B 128 14.55 -15.31 3.34
CA SER B 128 14.50 -15.89 4.67
C SER B 128 15.28 -15.02 5.65
N THR B 129 14.53 -14.30 6.46
CA THR B 129 15.10 -13.23 7.26
C THR B 129 15.83 -13.71 8.49
N GLY B 130 15.77 -15.00 8.76
CA GLY B 130 16.58 -15.60 9.81
C GLY B 130 17.86 -16.23 9.29
N ASP B 131 18.07 -16.24 7.97
CA ASP B 131 19.26 -16.94 7.42
C ASP B 131 20.52 -16.08 7.56
N VAL B 132 21.68 -16.73 7.49
CA VAL B 132 22.96 -16.09 7.69
C VAL B 132 23.23 -15.05 6.56
N HIS B 133 22.57 -15.20 5.42
CA HIS B 133 22.75 -14.28 4.31
C HIS B 133 21.88 -13.05 4.39
N PHE B 134 20.97 -13.00 5.35
CA PHE B 134 20.15 -11.83 5.52
C PHE B 134 20.89 -10.76 6.31
N THR B 135 21.55 -9.84 5.60
CA THR B 135 22.39 -8.79 6.19
C THR B 135 22.04 -7.42 5.60
N PRO B 136 20.76 -7.04 5.71
CA PRO B 136 20.31 -5.77 5.09
C PRO B 136 21.06 -4.54 5.62
N LYS B 137 21.41 -4.51 6.89
CA LYS B 137 22.14 -3.38 7.43
C LYS B 137 23.48 -3.21 6.72
N LEU B 138 24.07 -4.33 6.30
CA LEU B 138 25.32 -4.31 5.53
C LEU B 138 25.08 -4.11 4.02
N GLY B 139 23.83 -4.12 3.59
CA GLY B 139 23.52 -3.75 2.22
C GLY B 139 23.37 -4.95 1.31
N SER B 140 23.23 -6.14 1.90
CA SER B 140 23.12 -7.37 1.13
C SER B 140 22.15 -8.36 1.71
N ILE B 141 21.37 -8.95 0.82
CA ILE B 141 20.45 -10.03 1.20
C ILE B 141 20.42 -11.04 0.06
N GLN B 142 19.85 -12.20 0.31
CA GLN B 142 19.74 -13.28 -0.66
C GLN B 142 18.29 -13.70 -0.89
N PHE B 143 17.95 -13.97 -2.16
CA PHE B 143 16.65 -14.57 -2.53
C PHE B 143 16.80 -15.95 -3.13
N ASN B 144 15.87 -16.84 -2.78
CA ASN B 144 15.73 -18.10 -3.47
C ASN B 144 14.61 -17.90 -4.50
N THR B 145 14.89 -18.22 -5.76
CA THR B 145 13.98 -17.88 -6.86
C THR B 145 13.63 -19.09 -7.76
N ASP B 146 12.86 -18.83 -8.81
CA ASP B 146 12.42 -19.90 -9.69
C ASP B 146 13.17 -19.92 -11.00
N THR B 147 14.27 -19.16 -11.04
CA THR B 147 15.19 -19.20 -12.17
C THR B 147 16.62 -19.39 -11.70
N ASN B 148 17.46 -19.91 -12.60
CA ASN B 148 18.90 -20.00 -12.37
C ASN B 148 19.66 -19.33 -13.53
N ASN B 149 18.97 -18.49 -14.29
CA ASN B 149 19.61 -17.87 -15.45
C ASN B 149 19.04 -16.56 -15.95
N ASP B 150 17.82 -16.22 -15.56
CA ASP B 150 17.13 -15.12 -16.23
C ASP B 150 17.54 -13.68 -15.80
N PHE B 151 17.83 -13.47 -14.52
CA PHE B 151 18.11 -12.11 -14.09
C PHE B 151 19.49 -11.66 -14.55
N GLU B 152 19.57 -10.38 -14.93
CA GLU B 152 20.80 -9.76 -15.38
C GLU B 152 21.47 -8.95 -14.26
N THR B 153 22.78 -8.79 -14.35
CA THR B 153 23.52 -7.92 -13.46
C THR B 153 23.39 -6.45 -13.88
N GLY B 154 23.58 -5.54 -12.93
CA GLY B 154 23.67 -4.12 -13.22
C GLY B 154 22.34 -3.51 -13.65
N GLN B 155 21.24 -4.14 -13.25
CA GLN B 155 19.91 -3.66 -13.63
C GLN B 155 19.04 -3.54 -12.39
N ASN B 156 18.22 -2.50 -12.38
CA ASN B 156 17.30 -2.28 -11.28
C ASN B 156 16.39 -3.47 -11.09
N THR B 157 16.31 -3.95 -9.86
CA THR B 157 15.56 -5.14 -9.49
C THR B 157 14.74 -4.88 -8.21
N LYS B 158 13.48 -5.29 -8.23
CA LYS B 158 12.60 -5.03 -7.12
C LYS B 158 11.97 -6.30 -6.56
N PHE B 159 11.88 -6.36 -5.24
CA PHE B 159 11.12 -7.43 -4.57
C PHE B 159 9.81 -6.86 -4.04
N THR B 160 8.72 -7.46 -4.48
CA THR B 160 7.38 -7.11 -3.99
C THR B 160 6.94 -8.30 -3.12
N PRO B 161 6.69 -8.06 -1.80
CA PRO B 161 6.27 -9.13 -0.87
C PRO B 161 4.82 -9.51 -1.11
N VAL B 162 4.48 -10.77 -0.90
CA VAL B 162 3.10 -11.23 -1.06
C VAL B 162 2.60 -11.88 0.19
N GLY B 163 3.40 -12.76 0.76
CA GLY B 163 2.96 -13.56 1.90
C GLY B 163 4.08 -14.32 2.58
N VAL B 164 3.71 -15.25 3.45
CA VAL B 164 4.69 -16.00 4.23
C VAL B 164 4.58 -17.49 4.03
N VAL B 165 5.65 -18.18 4.34
CA VAL B 165 5.70 -19.62 4.07
C VAL B 165 6.18 -20.31 5.32
N GLN B 166 5.78 -21.57 5.47
CA GLN B 166 6.27 -22.40 6.55
C GLN B 166 6.73 -23.71 5.94
N ASP B 167 7.90 -24.12 6.43
CA ASP B 167 8.67 -25.26 5.95
C ASP B 167 8.85 -26.26 7.10
N GLY B 168 9.54 -27.35 6.80
CA GLY B 168 10.05 -28.21 7.84
C GLY B 168 9.11 -29.21 8.48
N ASN B 169 9.72 -30.08 9.28
CA ASN B 169 9.04 -31.07 10.09
C ASN B 169 8.61 -30.49 11.43
N GLY B 170 8.72 -29.16 11.55
CA GLY B 170 8.32 -28.49 12.77
C GLY B 170 6.81 -28.43 12.93
N ALA B 171 6.38 -28.10 14.14
CA ALA B 171 4.96 -27.97 14.48
C ALA B 171 4.29 -26.91 13.61
N HIS B 172 3.01 -27.10 13.35
CA HIS B 172 2.25 -26.13 12.61
C HIS B 172 2.29 -24.77 13.26
N GLN B 173 2.29 -23.74 12.41
CA GLN B 173 2.31 -22.34 12.84
C GLN B 173 3.53 -22.01 13.70
N ASN B 174 4.66 -22.71 13.50
CA ASN B 174 5.90 -22.42 14.24
C ASN B 174 6.67 -21.24 13.63
N GLU B 175 6.33 -20.86 12.39
CA GLU B 175 6.93 -19.73 11.71
C GLU B 175 5.87 -19.07 10.83
N PRO B 176 6.01 -17.77 10.58
CA PRO B 176 7.05 -16.88 11.11
C PRO B 176 6.91 -16.62 12.61
N GLN B 177 7.86 -15.86 13.14
CA GLN B 177 7.84 -15.50 14.55
C GLN B 177 7.79 -13.98 14.60
N GLN B 178 6.60 -13.40 14.71
CA GLN B 178 6.48 -11.97 14.49
C GLN B 178 7.13 -11.12 15.58
N TRP B 179 7.44 -11.70 16.73
CA TRP B 179 8.07 -10.93 17.80
C TRP B 179 9.56 -11.21 17.95
N VAL B 180 10.16 -11.85 16.97
CA VAL B 180 11.60 -12.06 16.98
C VAL B 180 12.24 -11.22 15.86
N LEU B 181 13.11 -10.29 16.24
CA LEU B 181 13.77 -9.47 15.23
C LEU B 181 14.82 -10.25 14.50
N PRO B 182 14.93 -10.02 13.20
CA PRO B 182 16.09 -10.57 12.52
C PRO B 182 17.35 -9.94 13.12
N SER B 183 18.50 -10.54 12.82
CA SER B 183 19.78 -9.93 13.04
C SER B 183 20.17 -9.18 11.76
N TYR B 184 20.02 -7.88 11.79
CA TYR B 184 20.09 -7.10 10.58
C TYR B 184 21.47 -7.09 9.95
N SER B 185 22.50 -7.41 10.74
CA SER B 185 23.85 -7.51 10.20
C SER B 185 24.28 -8.99 10.20
N GLY B 186 23.33 -9.91 10.28
CA GLY B 186 23.67 -11.33 10.33
C GLY B 186 24.49 -11.67 11.57
N ARG B 187 25.54 -12.48 11.37
CA ARG B 187 26.42 -12.94 12.45
C ARG B 187 27.63 -12.06 12.73
N THR B 188 27.83 -11.02 11.91
CA THR B 188 28.96 -10.11 12.11
C THR B 188 28.76 -9.19 13.33
N GLY B 189 27.50 -8.88 13.67
CA GLY B 189 27.24 -7.89 14.71
C GLY B 189 25.84 -7.89 15.28
N HIS B 190 25.66 -7.14 16.37
CA HIS B 190 24.36 -7.03 17.03
C HIS B 190 23.54 -5.89 16.44
N ASN B 191 22.23 -5.95 16.63
CA ASN B 191 21.34 -4.93 16.10
C ASN B 191 21.62 -3.57 16.78
N VAL B 192 21.48 -2.47 16.04
CA VAL B 192 21.73 -1.13 16.58
C VAL B 192 20.55 -0.18 16.30
N HIS B 193 20.48 0.92 17.04
CA HIS B 193 19.46 1.98 16.84
C HIS B 193 18.02 1.50 16.87
N LEU B 194 17.73 0.50 17.70
CA LEU B 194 16.40 -0.05 17.74
C LEU B 194 15.39 0.89 18.41
N ALA B 195 14.18 0.88 17.87
CA ALA B 195 13.03 1.41 18.57
C ALA B 195 12.82 0.55 19.85
N PRO B 196 12.50 1.14 20.99
CA PRO B 196 12.49 0.34 22.24
C PRO B 196 11.38 -0.72 22.33
N ALA B 197 11.57 -1.75 23.16
CA ALA B 197 10.49 -2.70 23.47
C ALA B 197 9.41 -1.95 24.24
N VAL B 198 8.16 -2.39 24.07
CA VAL B 198 7.04 -1.76 24.72
C VAL B 198 6.31 -2.79 25.58
N ALA B 199 5.76 -2.29 26.67
CA ALA B 199 5.06 -3.15 27.59
C ALA B 199 4.11 -2.32 28.41
N PRO B 200 3.00 -2.91 28.84
CA PRO B 200 2.13 -2.20 29.78
C PRO B 200 2.81 -2.01 31.14
N THR B 201 2.53 -0.90 31.84
CA THR B 201 3.18 -0.61 33.12
C THR B 201 2.18 -0.37 34.26
N PHE B 202 0.88 -0.35 33.96
CA PHE B 202 -0.16 0.00 34.94
C PHE B 202 -0.98 -1.24 35.18
N PRO B 203 -1.42 -1.45 36.44
CA PRO B 203 -2.12 -2.73 36.74
C PRO B 203 -3.42 -2.93 35.97
N GLY B 204 -3.55 -4.13 35.44
CA GLY B 204 -4.71 -4.49 34.66
C GLY B 204 -4.65 -4.09 33.19
N GLU B 205 -3.52 -3.56 32.72
CA GLU B 205 -3.43 -3.12 31.32
C GLU B 205 -2.65 -4.12 30.45
N GLN B 206 -3.02 -4.12 29.17
CA GLN B 206 -2.38 -4.89 28.12
C GLN B 206 -2.20 -4.00 26.90
N LEU B 207 -1.28 -4.41 26.04
CA LEU B 207 -1.19 -3.77 24.75
C LEU B 207 -2.45 -3.98 23.92
N LEU B 208 -2.77 -2.98 23.11
CA LEU B 208 -3.83 -3.07 22.09
C LEU B 208 -3.12 -3.12 20.74
N PHE B 209 -3.44 -4.16 19.99
CA PHE B 209 -2.80 -4.44 18.70
C PHE B 209 -3.76 -4.26 17.57
N PHE B 210 -3.24 -3.73 16.47
CA PHE B 210 -3.98 -3.68 15.22
C PHE B 210 -3.55 -4.88 14.39
N ARG B 211 -4.47 -5.81 14.17
CA ARG B 211 -4.14 -7.12 13.67
C ARG B 211 -4.62 -7.35 12.23
N SER B 212 -3.76 -7.99 11.47
CA SER B 212 -4.05 -8.49 10.14
C SER B 212 -3.67 -9.95 10.07
N THR B 213 -4.18 -10.61 9.04
CA THR B 213 -3.79 -11.96 8.68
C THR B 213 -2.97 -11.94 7.41
N MET B 214 -1.67 -12.30 7.49
CA MET B 214 -0.83 -12.36 6.29
C MET B 214 -1.25 -13.47 5.35
N PRO B 215 -1.18 -13.21 4.02
CA PRO B 215 -1.40 -14.31 3.09
C PRO B 215 -0.36 -15.35 3.30
N GLY B 216 -0.74 -16.61 3.18
CA GLY B 216 0.18 -17.71 3.29
C GLY B 216 0.35 -18.33 1.92
N CYS B 217 1.58 -18.75 1.63
CA CYS B 217 1.90 -19.24 0.31
C CYS B 217 2.30 -20.70 0.28
N SER B 218 2.58 -21.30 1.43
CA SER B 218 3.04 -22.69 1.47
C SER B 218 3.14 -23.20 2.92
N GLY B 219 2.78 -24.46 3.16
CA GLY B 219 2.87 -25.01 4.50
C GLY B 219 1.76 -24.53 5.43
N TYR B 220 2.09 -24.39 6.72
CA TYR B 220 1.14 -24.07 7.79
C TYR B 220 1.64 -22.86 8.61
N PRO B 221 1.74 -21.71 7.96
CA PRO B 221 2.37 -20.56 8.62
C PRO B 221 1.49 -19.96 9.69
N ASN B 222 2.14 -19.34 10.67
CA ASN B 222 1.45 -18.46 11.60
C ASN B 222 1.21 -17.13 10.91
N MET B 223 -0.04 -16.88 10.54
CA MET B 223 -0.32 -15.72 9.72
C MET B 223 -0.71 -14.46 10.53
N ASN B 224 -0.75 -14.53 11.85
CA ASN B 224 -1.11 -13.34 12.61
C ASN B 224 -0.01 -12.29 12.53
N LEU B 225 -0.42 -11.05 12.25
CA LEU B 225 0.54 -9.96 12.27
C LEU B 225 -0.05 -8.76 13.00
N ASP B 226 0.57 -8.41 14.12
CA ASP B 226 0.12 -7.34 14.98
C ASP B 226 1.01 -6.11 14.84
N CYS B 227 0.40 -4.96 14.61
CA CYS B 227 1.20 -3.73 14.63
C CYS B 227 0.71 -2.82 15.77
N LEU B 228 1.56 -1.87 16.18
CA LEU B 228 1.28 -0.98 17.31
C LEU B 228 0.52 0.25 16.87
N LEU B 229 0.69 0.63 15.61
CA LEU B 229 0.04 1.79 15.03
C LEU B 229 -0.31 1.51 13.59
N PRO B 230 -1.54 1.84 13.16
CA PRO B 230 -1.81 1.74 11.73
C PRO B 230 -0.87 2.62 10.92
N GLN B 231 -0.57 2.22 9.70
CA GLN B 231 0.29 3.05 8.87
C GLN B 231 -0.27 4.45 8.64
N GLU B 232 -1.57 4.57 8.52
CA GLU B 232 -2.17 5.89 8.30
C GLU B 232 -2.01 6.81 9.54
N TRP B 233 -1.91 6.21 10.74
CA TRP B 233 -1.62 6.97 11.97
C TRP B 233 -0.18 7.49 11.95
N VAL B 234 0.72 6.64 11.49
CA VAL B 234 2.12 7.07 11.28
C VAL B 234 2.18 8.29 10.32
N GLN B 235 1.55 8.19 9.15
CA GLN B 235 1.50 9.32 8.22
C GLN B 235 0.86 10.56 8.80
N HIS B 236 -0.19 10.37 9.58
CA HIS B 236 -0.89 11.47 10.22
C HIS B 236 -0.02 12.24 11.25
N PHE B 237 0.61 11.51 12.18
CA PHE B 237 1.47 12.13 13.19
C PHE B 237 2.67 12.82 12.52
N TYR B 238 3.23 12.15 11.54
CA TYR B 238 4.33 12.72 10.80
C TYR B 238 4.00 14.11 10.21
N GLN B 239 2.83 14.24 9.61
CA GLN B 239 2.39 15.52 9.04
C GLN B 239 1.97 16.58 10.04
N GLU B 240 1.16 16.19 11.01
CA GLU B 240 0.62 17.15 11.94
C GLU B 240 1.68 17.72 12.90
N ALA B 241 2.58 16.85 13.32
CA ALA B 241 3.63 17.18 14.31
C ALA B 241 3.05 17.95 15.47
N ALA B 242 1.94 17.46 15.99
CA ALA B 242 1.31 18.09 17.15
C ALA B 242 2.11 17.77 18.40
N PRO B 243 2.45 18.79 19.19
CA PRO B 243 3.25 18.50 20.39
C PRO B 243 2.45 17.79 21.49
N ALA B 244 3.04 16.81 22.15
CA ALA B 244 2.35 16.11 23.21
C ALA B 244 2.29 16.99 24.47
N GLN B 245 1.11 17.07 25.08
CA GLN B 245 0.95 17.91 26.26
C GLN B 245 1.12 17.14 27.57
N SER B 246 1.16 15.82 27.46
CA SER B 246 1.53 14.93 28.55
C SER B 246 2.06 13.63 27.95
N ASP B 247 2.35 12.65 28.78
CA ASP B 247 2.88 11.39 28.25
C ASP B 247 1.86 10.42 27.65
N VAL B 248 0.56 10.69 27.81
CA VAL B 248 -0.52 9.79 27.42
C VAL B 248 -1.71 10.55 26.88
N ALA B 249 -2.14 10.21 25.66
CA ALA B 249 -3.36 10.73 25.09
C ALA B 249 -4.48 9.71 25.28
N LEU B 250 -5.57 10.13 25.90
CA LEU B 250 -6.74 9.27 26.05
C LEU B 250 -7.58 9.30 24.78
N LEU B 251 -7.77 8.13 24.16
CA LEU B 251 -8.65 7.97 23.01
C LEU B 251 -9.91 7.23 23.43
N ARG B 252 -11.03 7.63 22.83
CA ARG B 252 -12.27 6.90 22.92
C ARG B 252 -12.59 6.33 21.55
N PHE B 253 -13.05 5.10 21.55
CA PHE B 253 -13.53 4.43 20.35
C PHE B 253 -15.03 4.58 20.31
N VAL B 254 -15.51 5.25 19.28
CA VAL B 254 -16.86 5.72 19.18
C VAL B 254 -17.60 5.05 18.03
N ASN B 255 -18.89 4.82 18.27
CA ASN B 255 -19.82 4.47 17.22
C ASN B 255 -20.45 5.77 16.71
N PRO B 256 -20.22 6.15 15.44
CA PRO B 256 -20.79 7.38 14.86
C PRO B 256 -22.31 7.42 14.76
N ASP B 257 -22.92 6.26 14.53
CA ASP B 257 -24.37 6.17 14.39
C ASP B 257 -25.10 6.51 15.69
N THR B 258 -24.55 6.04 16.81
CA THR B 258 -25.18 6.26 18.11
C THR B 258 -24.48 7.34 18.94
N GLY B 259 -23.21 7.60 18.63
CA GLY B 259 -22.41 8.49 19.42
C GLY B 259 -21.88 7.85 20.70
N ARG B 260 -22.10 6.55 20.88
CA ARG B 260 -21.69 5.90 22.12
C ARG B 260 -20.27 5.38 22.08
N VAL B 261 -19.63 5.53 23.23
CA VAL B 261 -18.28 5.08 23.42
C VAL B 261 -18.29 3.60 23.71
N LEU B 262 -17.56 2.86 22.88
CA LEU B 262 -17.40 1.43 23.05
C LEU B 262 -16.30 1.04 24.06
N PHE B 263 -15.17 1.71 24.01
CA PHE B 263 -14.11 1.53 24.99
C PHE B 263 -13.18 2.74 24.92
N GLU B 264 -12.28 2.83 25.89
CA GLU B 264 -11.27 3.85 25.87
C GLU B 264 -9.89 3.21 26.08
N CYS B 265 -8.87 3.92 25.64
CA CYS B 265 -7.51 3.42 25.64
C CYS B 265 -6.50 4.54 25.77
N LYS B 266 -5.28 4.18 26.12
CA LYS B 266 -4.21 5.12 26.27
C LYS B 266 -3.32 5.06 25.07
N LEU B 267 -3.16 6.19 24.39
CA LEU B 267 -2.13 6.30 23.38
C LEU B 267 -0.91 6.97 24.02
N HIS B 268 0.13 6.17 24.25
CA HIS B 268 1.36 6.68 24.81
C HIS B 268 2.12 7.49 23.78
N LYS B 269 2.75 8.56 24.26
CA LYS B 269 3.42 9.53 23.40
C LYS B 269 4.47 8.88 22.51
N SER B 270 5.08 7.80 22.99
CA SER B 270 6.13 7.16 22.23
C SER B 270 5.57 6.17 21.20
N GLY B 271 4.24 6.06 21.13
CA GLY B 271 3.61 5.46 19.96
C GLY B 271 3.14 4.04 20.10
N TYR B 272 2.33 3.79 21.12
CA TYR B 272 1.67 2.51 21.28
C TYR B 272 0.47 2.68 22.20
N VAL B 273 -0.40 1.68 22.19
CA VAL B 273 -1.70 1.82 22.83
C VAL B 273 -1.84 0.73 23.86
N THR B 274 -2.38 1.09 25.02
CA THR B 274 -2.76 0.10 26.00
C THR B 274 -4.25 0.24 26.34
N VAL B 275 -4.81 -0.87 26.82
CA VAL B 275 -6.21 -0.99 27.24
C VAL B 275 -6.26 -1.67 28.59
N ALA B 276 -7.35 -1.49 29.33
CA ALA B 276 -7.54 -2.21 30.60
C ALA B 276 -8.25 -3.55 30.35
N HIS B 277 -7.46 -4.60 30.18
CA HIS B 277 -8.01 -5.94 29.99
C HIS B 277 -6.98 -6.98 30.36
N THR B 278 -7.44 -8.17 30.72
CA THR B 278 -6.55 -9.30 30.98
C THR B 278 -6.99 -10.52 30.18
N GLY B 279 -6.09 -11.06 29.37
CA GLY B 279 -6.41 -12.26 28.60
C GLY B 279 -6.51 -11.93 27.13
N GLN B 280 -6.49 -12.97 26.28
CA GLN B 280 -6.62 -12.78 24.83
C GLN B 280 -8.05 -12.46 24.47
N HIS B 281 -8.25 -11.42 23.68
CA HIS B 281 -9.59 -11.02 23.25
C HIS B 281 -9.56 -10.32 21.89
N ASP B 282 -10.40 -10.80 20.98
CA ASP B 282 -10.72 -10.11 19.72
C ASP B 282 -11.85 -9.14 20.02
N LEU B 283 -11.55 -7.85 19.94
CA LEU B 283 -12.52 -6.82 20.31
C LEU B 283 -13.67 -6.86 19.31
N VAL B 284 -14.88 -6.69 19.80
CA VAL B 284 -16.04 -6.74 18.93
C VAL B 284 -16.41 -5.29 18.72
N ILE B 285 -16.33 -4.83 17.48
CA ILE B 285 -16.54 -3.42 17.14
C ILE B 285 -17.50 -3.29 15.95
N PRO B 286 -18.23 -2.17 15.90
CA PRO B 286 -19.07 -1.79 14.75
C PRO B 286 -18.16 -1.42 13.59
N PRO B 287 -18.54 -1.81 12.37
CA PRO B 287 -17.66 -1.55 11.23
C PRO B 287 -17.36 -0.06 10.97
N ASN B 288 -18.26 0.83 11.39
CA ASN B 288 -18.07 2.27 11.24
C ASN B 288 -17.43 2.94 12.44
N GLY B 289 -16.93 2.16 13.40
CA GLY B 289 -16.34 2.72 14.60
C GLY B 289 -15.00 3.36 14.33
N TYR B 290 -14.63 4.35 15.15
CA TYR B 290 -13.36 4.96 15.00
C TYR B 290 -12.86 5.57 16.31
N PHE B 291 -11.54 5.77 16.38
CA PHE B 291 -10.85 6.37 17.49
C PHE B 291 -10.91 7.87 17.46
N ARG B 292 -11.07 8.46 18.63
CA ARG B 292 -11.19 9.90 18.81
C ARG B 292 -10.37 10.38 20.01
N PHE B 293 -9.48 11.34 19.77
CA PHE B 293 -8.71 11.89 20.89
C PHE B 293 -9.61 12.73 21.76
N ASP B 294 -9.60 12.49 23.08
CA ASP B 294 -10.45 13.26 23.98
C ASP B 294 -9.67 14.17 24.96
N SER B 295 -8.56 13.72 25.52
CA SER B 295 -7.79 14.59 26.44
C SER B 295 -6.41 14.05 26.79
N TRP B 296 -5.56 14.94 27.30
CA TRP B 296 -4.26 14.54 27.80
C TRP B 296 -4.34 14.11 29.27
N VAL B 297 -3.83 12.93 29.56
CA VAL B 297 -3.80 12.36 30.92
C VAL B 297 -2.36 11.90 31.28
N ASN B 298 -2.13 11.34 32.47
CA ASN B 298 -0.79 10.79 32.77
C ASN B 298 -0.78 9.26 32.73
N GLN B 299 0.39 8.66 33.01
CA GLN B 299 0.52 7.21 32.93
C GLN B 299 -0.30 6.52 34.03
N PHE B 300 -0.76 7.29 35.03
CA PHE B 300 -1.48 6.72 36.18
C PHE B 300 -3.01 6.86 36.10
N TYR B 301 -3.49 7.27 34.93
CA TYR B 301 -4.91 7.38 34.66
C TYR B 301 -5.54 5.99 34.68
N THR B 302 -6.69 5.84 35.34
CA THR B 302 -7.34 4.54 35.33
C THR B 302 -8.40 4.50 34.25
N LEU B 303 -8.19 3.66 33.27
CA LEU B 303 -9.14 3.47 32.18
C LEU B 303 -10.37 2.73 32.64
N ALA B 304 -11.52 3.12 32.09
CA ALA B 304 -12.70 2.29 32.16
C ALA B 304 -12.33 0.90 31.61
N PRO B 305 -12.66 -0.15 32.36
CA PRO B 305 -12.35 -1.50 31.88
C PRO B 305 -12.93 -1.84 30.52
N MET B 306 -12.15 -2.50 29.68
CA MET B 306 -12.61 -2.75 28.33
C MET B 306 -13.79 -3.76 28.37
C1 NAG C . 13.51 -15.04 -26.20
C2 NAG C . 12.77 -14.59 -24.95
C3 NAG C . 11.27 -14.82 -25.08
C4 NAG C . 10.74 -14.27 -26.41
C5 NAG C . 11.61 -14.75 -27.58
C6 NAG C . 11.13 -14.13 -28.89
C7 NAG C . 14.31 -14.83 -23.09
C8 NAG C . 15.01 -15.83 -22.22
N2 NAG C . 13.28 -15.29 -23.79
O1 NAG C . 14.90 -14.70 -26.07
O3 NAG C . 10.59 -14.19 -24.00
O4 NAG C . 9.40 -14.72 -26.61
O5 NAG C . 12.97 -14.37 -27.34
O6 NAG C . 10.97 -12.72 -28.72
O7 NAG C . 14.66 -13.66 -23.16
C1 GAL C . 10.03 -15.21 -23.15
C2 GAL C . 9.74 -14.61 -21.78
C3 GAL C . 9.13 -15.66 -20.84
C4 GAL C . 7.97 -16.39 -21.51
C5 GAL C . 8.38 -16.89 -22.91
C6 GAL C . 7.20 -17.54 -23.62
O2 GAL C . 10.95 -14.11 -21.20
O3 GAL C . 8.66 -15.02 -19.65
O4 GAL C . 6.86 -15.51 -21.63
O5 GAL C . 8.84 -15.77 -23.68
O6 GAL C . 7.64 -18.75 -24.24
C1 FUC C . 10.68 -12.83 -20.61
C2 FUC C . 11.78 -12.51 -19.60
C3 FUC C . 13.11 -12.29 -20.28
C4 FUC C . 12.97 -11.31 -21.44
C5 FUC C . 11.81 -11.70 -22.35
C6 FUC C . 11.61 -10.69 -23.46
O2 FUC C . 11.90 -13.59 -18.66
O3 FUC C . 14.06 -11.76 -19.33
O4 FUC C . 12.75 -9.98 -20.94
O5 FUC C . 10.61 -11.79 -21.57
C1 FUC C . 8.61 -13.61 -27.07
C2 FUC C . 7.27 -14.11 -27.58
C3 FUC C . 6.42 -14.66 -26.44
C4 FUC C . 6.37 -13.68 -25.28
C5 FUC C . 7.76 -13.20 -24.91
C6 FUC C . 7.70 -12.16 -23.79
O2 FUC C . 7.49 -15.14 -28.56
O3 FUC C . 5.10 -14.92 -26.92
O4 FUC C . 5.56 -12.55 -25.64
O5 FUC C . 8.40 -12.63 -26.05
#